data_5AQY
#
_entry.id   5AQY
#
_cell.length_a   47.521
_cell.length_b   89.046
_cell.length_c   95.944
_cell.angle_alpha   90.00
_cell.angle_beta   90.00
_cell.angle_gamma   90.00
#
_symmetry.space_group_name_H-M   'P 21 21 21'
#
loop_
_entity.id
_entity.type
_entity.pdbx_description
1 polymer 'HEAT SHOCK 70 KDA PROTEIN 1A'
2 non-polymer ADENOSINE
3 non-polymer 1,2-ETHANEDIOL
4 non-polymer 'DIMETHYL SULFOXIDE'
5 non-polymer 'MAGNESIUM ION'
6 water water
#
_entity_poly.entity_id   1
_entity_poly.type   'polypeptide(L)'
_entity_poly.pdbx_seq_one_letter_code
;GPLGSMAKAAAIGIDLGTTYSCVGVFQHGKVEIIANDQGNRTTPSYVAFTDTERLIGDAAKNQVALNPQNTVFDAKRLIG
RKFGDPVVQSDMKHWPFQVINDGDKPKVQVSYKGETKAFYPEEISSMVLTKMKEIAEAYLGYPVTNAVITVPAYFNDSQR
QATKDAGVIAGLNVLRIINEPTAAAIAYGLDRTGKGERNVLIFDLGGGTFDVSILTIDDGIFEVKATAGDTHLGGEDFDN
RLVNHFVEEFKRKHKKDISQNKRAVRRLRTACERAKRTLSSSTQASLEIDSLFEGIDFYTSITRARFEELCSDLFRSTLE
PVEKALRDAKLDKAQIHDLVLVGGSTRIPKVQKLLQDFFNGRDLNKSINPDEAVAYGAAVQAAILIKSTRAAAS
;
_entity_poly.pdbx_strand_id   A
#
loop_
_chem_comp.id
_chem_comp.type
_chem_comp.name
_chem_comp.formula
ADN non-polymer ADENOSINE 'C10 H13 N5 O4'
DMS non-polymer 'DIMETHYL SULFOXIDE' 'C2 H6 O S'
EDO non-polymer 1,2-ETHANEDIOL 'C2 H6 O2'
MG non-polymer 'MAGNESIUM ION' 'Mg 2'
#
# COMPACT_ATOMS: atom_id res chain seq x y z
N ALA A 7 -6.01 -9.12 -31.61
CA ALA A 7 -5.27 -10.39 -31.57
C ALA A 7 -4.20 -10.39 -30.47
N LYS A 8 -3.67 -9.21 -30.11
CA LYS A 8 -2.68 -9.05 -29.06
C LYS A 8 -3.40 -8.86 -27.72
N ALA A 9 -3.07 -9.71 -26.73
CA ALA A 9 -3.64 -9.65 -25.40
C ALA A 9 -3.22 -8.36 -24.71
N ALA A 10 -4.08 -7.78 -23.86
CA ALA A 10 -3.67 -6.59 -23.14
C ALA A 10 -2.60 -6.98 -22.07
N ALA A 11 -1.75 -6.03 -21.72
CA ALA A 11 -0.75 -6.22 -20.66
C ALA A 11 -1.31 -5.49 -19.43
N ILE A 12 -0.90 -5.91 -18.25
CA ILE A 12 -1.42 -5.30 -17.04
C ILE A 12 -0.38 -4.56 -16.19
N GLY A 13 -0.85 -3.64 -15.36
CA GLY A 13 0.01 -2.90 -14.48
C GLY A 13 -0.36 -3.35 -13.07
N ILE A 14 0.63 -3.76 -12.29
CA ILE A 14 0.34 -4.21 -10.93
C ILE A 14 1.10 -3.42 -9.88
N ASP A 15 0.35 -2.89 -8.90
CA ASP A 15 0.95 -2.19 -7.79
C ASP A 15 1.00 -3.30 -6.74
N LEU A 16 2.20 -3.80 -6.48
CA LEU A 16 2.40 -4.87 -5.52
C LEU A 16 2.72 -4.19 -4.19
N GLY A 17 1.68 -3.91 -3.42
CA GLY A 17 1.81 -3.14 -2.20
C GLY A 17 2.15 -3.93 -0.96
N THR A 18 2.67 -3.23 0.07
CA THR A 18 3.00 -3.87 1.34
C THR A 18 1.73 -4.47 1.96
N THR A 19 0.64 -3.68 2.01
CA THR A 19 -0.62 -4.10 2.66
C THR A 19 -1.70 -4.50 1.63
N TYR A 20 -1.78 -3.79 0.51
CA TYR A 20 -2.77 -4.07 -0.51
C TYR A 20 -2.12 -3.96 -1.88
N SER A 21 -2.69 -4.67 -2.86
CA SER A 21 -2.25 -4.60 -4.26
C SER A 21 -3.41 -4.17 -5.14
N CYS A 22 -3.09 -3.73 -6.35
CA CYS A 22 -4.08 -3.18 -7.25
C CYS A 22 -3.63 -3.48 -8.68
N VAL A 23 -4.59 -3.80 -9.57
CA VAL A 23 -4.24 -4.14 -10.96
C VAL A 23 -5.09 -3.31 -11.93
N GLY A 24 -4.44 -2.83 -12.98
CA GLY A 24 -5.09 -2.02 -14.00
C GLY A 24 -4.74 -2.46 -15.41
N VAL A 25 -5.56 -2.04 -16.38
CA VAL A 25 -5.28 -2.32 -17.80
C VAL A 25 -5.68 -1.05 -18.58
N PHE A 26 -4.85 -0.68 -19.54
CA PHE A 26 -5.11 0.52 -20.34
C PHE A 26 -5.48 0.08 -21.74
N GLN A 27 -6.70 0.36 -22.13
CA GLN A 27 -7.18 0.01 -23.45
C GLN A 27 -8.01 1.12 -24.03
N HIS A 28 -7.81 1.37 -25.31
CA HIS A 28 -8.59 2.38 -26.02
C HIS A 28 -8.59 3.74 -25.35
N GLY A 29 -7.41 4.18 -24.94
CA GLY A 29 -7.21 5.48 -24.33
C GLY A 29 -7.73 5.66 -22.93
N LYS A 30 -8.08 4.57 -22.28
CA LYS A 30 -8.62 4.63 -20.93
C LYS A 30 -8.11 3.50 -20.05
N VAL A 31 -8.00 3.76 -18.75
CA VAL A 31 -7.56 2.74 -17.80
C VAL A 31 -8.76 2.21 -17.01
N GLU A 32 -8.74 0.91 -16.78
CA GLU A 32 -9.75 0.28 -15.96
C GLU A 32 -8.99 -0.30 -14.79
N ILE A 33 -9.38 0.08 -13.58
CA ILE A 33 -8.75 -0.45 -12.39
C ILE A 33 -9.73 -1.56 -12.13
N ILE A 34 -9.23 -2.79 -12.16
CA ILE A 34 -10.09 -3.95 -12.06
C ILE A 34 -10.51 -4.42 -10.68
N ALA A 35 -11.83 -4.49 -10.47
CA ALA A 35 -12.33 -5.01 -9.20
C ALA A 35 -12.16 -6.52 -9.15
N ASN A 36 -11.94 -7.06 -7.96
CA ASN A 36 -11.88 -8.52 -7.78
C ASN A 36 -13.31 -9.06 -7.64
N ASP A 37 -13.46 -10.37 -7.49
CA ASP A 37 -14.78 -11.00 -7.41
C ASP A 37 -15.61 -10.66 -6.17
N GLN A 38 -15.01 -9.97 -5.21
CA GLN A 38 -15.72 -9.52 -4.04
C GLN A 38 -16.09 -8.02 -4.17
N GLY A 39 -15.81 -7.45 -5.34
CA GLY A 39 -16.09 -6.06 -5.67
C GLY A 39 -15.06 -5.05 -5.21
N ASN A 40 -13.90 -5.50 -4.74
CA ASN A 40 -12.86 -4.63 -4.25
C ASN A 40 -11.84 -4.29 -5.32
N ARG A 41 -11.59 -2.99 -5.47
CA ARG A 41 -10.62 -2.48 -6.44
C ARG A 41 -9.17 -2.64 -5.95
N THR A 42 -9.01 -3.01 -4.70
CA THR A 42 -7.71 -3.32 -4.11
C THR A 42 -7.86 -4.68 -3.41
N THR A 43 -6.78 -5.44 -3.36
CA THR A 43 -6.79 -6.77 -2.76
C THR A 43 -5.72 -6.88 -1.68
N PRO A 44 -6.05 -7.41 -0.50
CA PRO A 44 -5.02 -7.55 0.54
C PRO A 44 -3.82 -8.37 0.07
N SER A 45 -2.60 -7.92 0.39
CA SER A 45 -1.37 -8.67 0.05
C SER A 45 -1.14 -9.73 1.12
N TYR A 46 -2.14 -10.63 1.29
CA TYR A 46 -2.18 -11.68 2.31
C TYR A 46 -2.32 -13.04 1.69
N VAL A 47 -1.66 -14.05 2.30
CA VAL A 47 -1.78 -15.44 1.89
C VAL A 47 -1.95 -16.28 3.16
N ALA A 48 -2.97 -17.13 3.22
CA ALA A 48 -3.26 -17.99 4.37
C ALA A 48 -3.18 -19.44 3.95
N PHE A 49 -2.64 -20.26 4.83
CA PHE A 49 -2.45 -21.67 4.57
C PHE A 49 -3.20 -22.48 5.60
N THR A 50 -3.96 -23.50 5.11
CA THR A 50 -4.71 -24.39 5.98
C THR A 50 -4.36 -25.83 5.61
N ASP A 51 -5.09 -26.78 6.20
CA ASP A 51 -4.85 -28.20 5.90
C ASP A 51 -5.37 -28.52 4.48
N THR A 52 -6.29 -27.72 3.98
CA THR A 52 -6.90 -27.98 2.69
C THR A 52 -6.87 -26.89 1.64
N GLU A 53 -6.50 -25.67 2.03
CA GLU A 53 -6.51 -24.58 1.07
C GLU A 53 -5.40 -23.57 1.22
N ARG A 54 -5.14 -22.87 0.12
CA ARG A 54 -4.21 -21.77 0.10
C ARG A 54 -5.16 -20.63 -0.27
N LEU A 55 -5.31 -19.67 0.63
CA LEU A 55 -6.21 -18.52 0.42
C LEU A 55 -5.42 -17.30 0.10
N ILE A 56 -5.88 -16.49 -0.89
CA ILE A 56 -5.11 -15.30 -1.24
C ILE A 56 -6.01 -14.09 -1.30
N GLY A 57 -5.56 -12.97 -0.72
CA GLY A 57 -6.32 -11.73 -0.78
C GLY A 57 -7.37 -11.59 0.31
N ASP A 58 -8.60 -11.16 -0.07
CA ASP A 58 -9.68 -10.97 0.92
C ASP A 58 -9.98 -12.22 1.75
N ALA A 59 -10.03 -13.39 1.11
CA ALA A 59 -10.33 -14.63 1.87
C ALA A 59 -9.28 -14.90 2.94
N ALA A 60 -8.01 -14.54 2.66
CA ALA A 60 -6.95 -14.73 3.65
C ALA A 60 -7.07 -13.69 4.78
N LYS A 61 -7.21 -12.41 4.41
CA LYS A 61 -7.29 -11.37 5.44
C LYS A 61 -8.51 -11.58 6.34
N ASN A 62 -9.61 -12.07 5.78
CA ASN A 62 -10.87 -12.26 6.53
C ASN A 62 -10.82 -13.40 7.55
N GLN A 63 -9.79 -14.26 7.50
CA GLN A 63 -9.70 -15.35 8.49
C GLN A 63 -8.44 -15.25 9.35
N VAL A 64 -7.74 -14.10 9.30
CA VAL A 64 -6.50 -13.87 10.03
C VAL A 64 -6.66 -13.99 11.57
N ALA A 65 -7.83 -13.56 12.14
CA ALA A 65 -8.04 -13.54 13.59
C ALA A 65 -7.81 -14.91 14.27
N LEU A 66 -8.28 -15.98 13.62
CA LEU A 66 -8.14 -17.31 14.23
C LEU A 66 -6.98 -18.14 13.69
N ASN A 67 -6.34 -17.69 12.58
CA ASN A 67 -5.21 -18.42 12.01
C ASN A 67 -3.99 -17.47 11.89
N PRO A 68 -3.60 -16.74 12.96
CA PRO A 68 -2.49 -15.76 12.81
C PRO A 68 -1.14 -16.39 12.51
N GLN A 69 -0.90 -17.63 12.95
CA GLN A 69 0.41 -18.24 12.70
C GLN A 69 0.61 -18.63 11.23
N ASN A 70 -0.50 -18.88 10.50
CA ASN A 70 -0.39 -19.37 9.13
C ASN A 70 -0.95 -18.42 8.11
N THR A 71 -1.14 -17.14 8.50
CA THR A 71 -1.59 -16.10 7.56
C THR A 71 -0.44 -15.12 7.44
N VAL A 72 0.11 -15.02 6.24
CA VAL A 72 1.28 -14.18 5.99
C VAL A 72 0.86 -12.88 5.31
N PHE A 73 1.53 -11.81 5.74
CA PHE A 73 1.37 -10.46 5.22
C PHE A 73 2.71 -9.74 5.40
N ASP A 74 2.88 -8.57 4.79
CA ASP A 74 4.12 -7.80 4.93
C ASP A 74 5.35 -8.47 4.30
N ALA A 75 5.15 -9.36 3.35
CA ALA A 75 6.28 -10.04 2.71
C ALA A 75 7.20 -9.04 2.03
N LYS A 76 6.62 -7.93 1.57
CA LYS A 76 7.39 -6.86 0.91
C LYS A 76 8.44 -6.25 1.85
N ARG A 77 8.23 -6.42 3.19
CA ARG A 77 9.24 -5.91 4.13
C ARG A 77 10.47 -6.83 4.21
N LEU A 78 10.33 -8.08 3.73
CA LEU A 78 11.42 -9.06 3.76
C LEU A 78 12.09 -9.26 2.41
N ILE A 79 11.37 -8.98 1.31
CA ILE A 79 11.80 -9.35 -0.02
C ILE A 79 13.18 -8.73 -0.36
N GLY A 80 14.06 -9.60 -0.86
CA GLY A 80 15.41 -9.20 -1.24
C GLY A 80 16.33 -8.79 -0.10
N ARG A 81 15.93 -9.02 1.17
CA ARG A 81 16.77 -8.66 2.33
C ARG A 81 17.47 -9.89 2.91
N LYS A 82 18.45 -9.66 3.81
CA LYS A 82 19.18 -10.72 4.53
C LYS A 82 18.48 -10.97 5.86
N PHE A 83 18.55 -12.18 6.38
CA PHE A 83 17.94 -12.50 7.68
C PHE A 83 18.56 -11.69 8.81
N GLY A 84 19.85 -11.46 8.71
CA GLY A 84 20.62 -10.72 9.68
C GLY A 84 20.38 -9.22 9.73
N ASP A 85 19.69 -8.70 8.75
CA ASP A 85 19.40 -7.28 8.66
C ASP A 85 18.66 -6.83 9.93
N PRO A 86 19.07 -5.71 10.51
CA PRO A 86 18.44 -5.23 11.75
C PRO A 86 16.95 -4.96 11.55
N VAL A 87 16.57 -4.47 10.38
CA VAL A 87 15.19 -4.18 10.07
C VAL A 87 14.37 -5.48 10.13
N VAL A 88 14.92 -6.56 9.59
CA VAL A 88 14.24 -7.85 9.60
C VAL A 88 14.05 -8.38 11.03
N GLN A 89 15.10 -8.29 11.84
CA GLN A 89 15.02 -8.74 13.23
C GLN A 89 14.02 -7.96 14.07
N SER A 90 13.88 -6.67 13.78
CA SER A 90 12.93 -5.80 14.47
C SER A 90 11.50 -6.13 14.06
N ASP A 91 11.25 -6.22 12.72
CA ASP A 91 9.93 -6.54 12.22
C ASP A 91 9.41 -7.89 12.69
N MET A 92 10.28 -8.91 12.75
CA MET A 92 9.90 -10.26 13.22
C MET A 92 9.20 -10.26 14.57
N LYS A 93 9.58 -9.31 15.46
CA LYS A 93 9.01 -9.21 16.82
C LYS A 93 7.54 -8.81 16.79
N HIS A 94 7.10 -8.24 15.66
CA HIS A 94 5.71 -7.82 15.51
C HIS A 94 4.80 -8.77 14.72
N TRP A 95 5.36 -9.80 14.13
CA TRP A 95 4.59 -10.77 13.33
C TRP A 95 4.28 -12.07 14.06
N PRO A 96 3.04 -12.53 13.98
CA PRO A 96 2.64 -13.79 14.61
C PRO A 96 3.13 -15.05 13.89
N PHE A 97 3.50 -14.91 12.62
CA PHE A 97 4.00 -16.03 11.83
C PHE A 97 5.52 -16.17 12.03
N GLN A 98 6.04 -17.37 11.85
CA GLN A 98 7.45 -17.67 12.05
C GLN A 98 8.27 -17.26 10.82
N VAL A 99 9.41 -16.59 11.07
CA VAL A 99 10.36 -16.24 10.02
C VAL A 99 11.63 -17.03 10.38
N ILE A 100 12.12 -17.82 9.43
CA ILE A 100 13.30 -18.66 9.67
C ILE A 100 14.50 -18.19 8.85
N ASN A 101 15.69 -18.68 9.24
CA ASN A 101 16.93 -18.32 8.59
C ASN A 101 17.41 -19.48 7.70
N ASP A 102 17.47 -19.27 6.34
CA ASP A 102 18.02 -20.32 5.47
C ASP A 102 19.12 -19.63 4.64
N GLY A 103 20.37 -19.80 5.05
CA GLY A 103 21.52 -19.20 4.35
C GLY A 103 21.58 -17.69 4.43
N ASP A 104 21.21 -17.13 5.58
CA ASP A 104 21.12 -15.69 5.86
C ASP A 104 20.06 -15.03 4.96
N LYS A 105 19.06 -15.81 4.54
CA LYS A 105 17.93 -15.27 3.78
C LYS A 105 16.69 -15.61 4.60
N PRO A 106 15.73 -14.70 4.75
CA PRO A 106 14.54 -15.04 5.53
C PRO A 106 13.57 -15.88 4.71
N LYS A 107 12.83 -16.75 5.41
CA LYS A 107 11.74 -17.54 4.83
C LYS A 107 10.61 -17.55 5.83
N VAL A 108 9.35 -17.53 5.36
N VAL A 108 9.37 -17.49 5.36
CA VAL A 108 8.19 -17.58 6.24
CA VAL A 108 8.25 -17.61 6.29
C VAL A 108 7.74 -19.03 6.35
C VAL A 108 7.93 -19.08 6.40
N GLN A 109 7.65 -19.56 7.59
CA GLN A 109 7.35 -20.96 7.84
C GLN A 109 5.96 -21.14 8.40
N VAL A 110 5.16 -22.03 7.77
CA VAL A 110 3.75 -22.25 8.13
C VAL A 110 3.40 -23.75 8.09
N SER A 111 2.19 -24.07 8.56
CA SER A 111 1.59 -25.40 8.46
C SER A 111 0.71 -25.30 7.22
N TYR A 112 0.90 -26.23 6.28
CA TYR A 112 0.14 -26.19 5.03
C TYR A 112 -0.03 -27.61 4.49
N LYS A 113 -1.30 -28.01 4.30
CA LYS A 113 -1.65 -29.32 3.75
C LYS A 113 -0.88 -30.49 4.40
N GLY A 114 -0.87 -30.50 5.73
CA GLY A 114 -0.29 -31.59 6.52
C GLY A 114 1.20 -31.55 6.76
N GLU A 115 1.89 -30.51 6.29
CA GLU A 115 3.35 -30.40 6.42
C GLU A 115 3.77 -29.03 6.92
N THR A 116 5.00 -28.93 7.47
CA THR A 116 5.60 -27.63 7.78
C THR A 116 6.29 -27.22 6.47
N LYS A 117 6.01 -26.01 6.00
CA LYS A 117 6.56 -25.56 4.74
C LYS A 117 7.14 -24.17 4.90
N ALA A 118 8.31 -23.91 4.29
CA ALA A 118 8.93 -22.60 4.34
C ALA A 118 8.99 -21.98 2.97
N PHE A 119 8.64 -20.69 2.87
CA PHE A 119 8.59 -19.98 1.60
C PHE A 119 9.44 -18.75 1.60
N TYR A 120 10.14 -18.51 0.48
CA TYR A 120 10.85 -17.25 0.38
C TYR A 120 9.81 -16.13 0.20
N PRO A 121 10.17 -14.88 0.59
CA PRO A 121 9.24 -13.74 0.39
C PRO A 121 8.81 -13.63 -1.07
N GLU A 122 9.69 -13.93 -2.03
CA GLU A 122 9.29 -13.88 -3.47
C GLU A 122 8.24 -14.93 -3.81
N GLU A 123 8.24 -16.05 -3.07
CA GLU A 123 7.22 -17.07 -3.29
C GLU A 123 5.89 -16.57 -2.73
N ILE A 124 5.88 -15.91 -1.54
CA ILE A 124 4.63 -15.36 -1.04
C ILE A 124 4.13 -14.28 -2.03
N SER A 125 5.03 -13.34 -2.45
CA SER A 125 4.58 -12.30 -3.39
C SER A 125 4.11 -12.90 -4.72
N SER A 126 4.67 -14.06 -5.16
CA SER A 126 4.22 -14.68 -6.43
C SER A 126 2.77 -15.16 -6.28
N MET A 127 2.34 -15.53 -5.05
CA MET A 127 0.94 -15.95 -4.82
C MET A 127 0.03 -14.74 -4.92
N VAL A 128 0.45 -13.59 -4.35
CA VAL A 128 -0.33 -12.34 -4.48
C VAL A 128 -0.43 -11.96 -5.97
N LEU A 129 0.68 -12.09 -6.71
CA LEU A 129 0.70 -11.77 -8.17
C LEU A 129 -0.19 -12.72 -8.92
N THR A 130 -0.23 -14.01 -8.53
CA THR A 130 -1.13 -14.98 -9.18
C THR A 130 -2.58 -14.53 -9.06
N LYS A 131 -2.99 -14.05 -7.87
CA LYS A 131 -4.33 -13.56 -7.64
C LYS A 131 -4.60 -12.29 -8.50
N MET A 132 -3.61 -11.37 -8.60
CA MET A 132 -3.83 -10.13 -9.38
C MET A 132 -3.98 -10.47 -10.88
N LYS A 133 -3.21 -11.45 -11.38
CA LYS A 133 -3.29 -11.95 -12.75
C LYS A 133 -4.72 -12.52 -13.00
N GLU A 134 -5.22 -13.37 -12.10
CA GLU A 134 -6.57 -13.94 -12.21
C GLU A 134 -7.70 -12.88 -12.16
N ILE A 135 -7.53 -11.83 -11.35
CA ILE A 135 -8.51 -10.74 -11.26
C ILE A 135 -8.58 -10.10 -12.67
N ALA A 136 -7.42 -9.82 -13.27
CA ALA A 136 -7.40 -9.23 -14.62
C ALA A 136 -7.99 -10.18 -15.67
N GLU A 137 -7.69 -11.51 -15.59
CA GLU A 137 -8.21 -12.49 -16.56
C GLU A 137 -9.73 -12.60 -16.46
N ALA A 138 -10.30 -12.44 -15.25
CA ALA A 138 -11.76 -12.49 -15.09
C ALA A 138 -12.42 -11.32 -15.86
N TYR A 139 -11.79 -10.15 -15.85
CA TYR A 139 -12.29 -8.96 -16.56
C TYR A 139 -12.05 -9.10 -18.08
N LEU A 140 -10.82 -9.46 -18.49
CA LEU A 140 -10.49 -9.51 -19.92
C LEU A 140 -11.12 -10.69 -20.67
N GLY A 141 -11.28 -11.81 -19.99
CA GLY A 141 -11.87 -13.02 -20.57
C GLY A 141 -10.89 -13.88 -21.34
N TYR A 142 -9.59 -13.69 -21.12
CA TYR A 142 -8.55 -14.47 -21.75
C TYR A 142 -7.29 -14.48 -20.88
N PRO A 143 -6.34 -15.43 -21.09
CA PRO A 143 -5.12 -15.45 -20.26
C PRO A 143 -4.23 -14.22 -20.46
N VAL A 144 -3.67 -13.73 -19.36
CA VAL A 144 -2.80 -12.57 -19.34
C VAL A 144 -1.39 -13.06 -19.04
N THR A 145 -0.40 -12.52 -19.73
CA THR A 145 0.96 -12.95 -19.47
C THR A 145 1.95 -11.81 -19.23
N ASN A 146 1.69 -10.66 -19.83
CA ASN A 146 2.59 -9.52 -19.71
C ASN A 146 2.19 -8.52 -18.66
N ALA A 147 3.16 -8.06 -17.87
CA ALA A 147 2.87 -7.10 -16.82
C ALA A 147 4.03 -6.21 -16.41
N VAL A 148 3.69 -5.01 -15.94
CA VAL A 148 4.67 -4.08 -15.37
C VAL A 148 4.36 -4.18 -13.86
N ILE A 149 5.40 -4.33 -13.03
CA ILE A 149 5.21 -4.38 -11.57
C ILE A 149 6.00 -3.23 -10.98
N THR A 150 5.43 -2.57 -9.97
CA THR A 150 6.07 -1.41 -9.35
C THR A 150 6.75 -1.77 -8.04
N VAL A 151 7.77 -0.98 -7.68
CA VAL A 151 8.49 -1.16 -6.41
C VAL A 151 8.79 0.24 -5.85
N PRO A 152 9.13 0.34 -4.55
CA PRO A 152 9.51 1.64 -3.98
C PRO A 152 10.80 2.14 -4.66
N ALA A 153 10.93 3.44 -4.81
CA ALA A 153 12.10 4.03 -5.46
C ALA A 153 13.43 3.69 -4.77
N TYR A 154 13.40 3.45 -3.44
CA TYR A 154 14.62 3.13 -2.68
C TYR A 154 15.04 1.66 -2.78
N PHE A 155 14.23 0.78 -3.45
CA PHE A 155 14.59 -0.63 -3.59
C PHE A 155 15.91 -0.77 -4.33
N ASN A 156 16.77 -1.70 -3.84
CA ASN A 156 18.07 -1.94 -4.46
C ASN A 156 17.93 -3.06 -5.52
N ASP A 157 19.04 -3.42 -6.18
CA ASP A 157 19.03 -4.45 -7.23
C ASP A 157 18.52 -5.80 -6.75
N SER A 158 18.88 -6.19 -5.52
CA SER A 158 18.46 -7.48 -4.94
C SER A 158 16.94 -7.49 -4.76
N GLN A 159 16.39 -6.37 -4.25
CA GLN A 159 14.93 -6.27 -4.04
C GLN A 159 14.16 -6.23 -5.36
N ARG A 160 14.70 -5.53 -6.37
CA ARG A 160 14.10 -5.48 -7.72
C ARG A 160 14.15 -6.85 -8.37
N GLN A 161 15.27 -7.54 -8.27
CA GLN A 161 15.38 -8.87 -8.85
C GLN A 161 14.44 -9.87 -8.16
N ALA A 162 14.32 -9.79 -6.84
CA ALA A 162 13.42 -10.70 -6.12
C ALA A 162 11.97 -10.46 -6.54
N THR A 163 11.60 -9.16 -6.81
CA THR A 163 10.23 -8.86 -7.27
C THR A 163 10.01 -9.43 -8.72
N LYS A 164 11.01 -9.31 -9.63
CA LYS A 164 10.92 -9.92 -10.97
C LYS A 164 10.72 -11.44 -10.80
N ASP A 165 11.51 -12.08 -9.90
CA ASP A 165 11.43 -13.52 -9.65
C ASP A 165 10.03 -13.89 -9.17
N ALA A 166 9.40 -13.05 -8.32
CA ALA A 166 8.03 -13.32 -7.87
C ALA A 166 7.07 -13.35 -9.11
N GLY A 167 7.24 -12.41 -10.04
CA GLY A 167 6.44 -12.38 -11.26
C GLY A 167 6.65 -13.63 -12.10
N VAL A 168 7.90 -14.05 -12.28
CA VAL A 168 8.26 -15.27 -13.05
C VAL A 168 7.58 -16.52 -12.42
N ILE A 169 7.66 -16.66 -11.10
CA ILE A 169 7.05 -17.80 -10.41
C ILE A 169 5.52 -17.79 -10.65
N ALA A 170 4.90 -16.59 -10.73
CA ALA A 170 3.45 -16.43 -10.96
C ALA A 170 3.05 -16.70 -12.44
N GLY A 171 4.01 -17.00 -13.32
CA GLY A 171 3.72 -17.23 -14.73
C GLY A 171 3.61 -15.97 -15.55
N LEU A 172 4.03 -14.85 -14.98
CA LEU A 172 3.98 -13.58 -15.68
C LEU A 172 5.28 -13.25 -16.38
N ASN A 173 5.18 -12.57 -17.52
CA ASN A 173 6.37 -12.11 -18.20
C ASN A 173 6.48 -10.68 -17.69
N VAL A 174 7.55 -10.37 -16.97
CA VAL A 174 7.68 -9.04 -16.42
C VAL A 174 8.34 -8.13 -17.43
N LEU A 175 7.55 -7.19 -17.97
CA LEU A 175 8.07 -6.26 -18.96
C LEU A 175 9.10 -5.29 -18.39
N ARG A 176 8.83 -4.82 -17.17
CA ARG A 176 9.73 -3.91 -16.51
C ARG A 176 9.36 -3.77 -15.04
N ILE A 177 10.31 -3.36 -14.23
CA ILE A 177 10.06 -3.09 -12.82
C ILE A 177 10.21 -1.58 -12.82
N ILE A 178 9.18 -0.86 -12.41
CA ILE A 178 9.25 0.60 -12.40
C ILE A 178 9.00 1.12 -11.00
N ASN A 179 9.52 2.31 -10.74
CA ASN A 179 9.36 2.88 -9.39
C ASN A 179 7.93 3.37 -9.14
N GLU A 180 7.41 3.15 -7.91
CA GLU A 180 6.05 3.58 -7.53
C GLU A 180 5.80 5.09 -7.79
N PRO A 181 6.69 6.03 -7.39
CA PRO A 181 6.39 7.46 -7.63
C PRO A 181 6.41 7.79 -9.13
N THR A 182 7.26 7.08 -9.94
CA THR A 182 7.32 7.26 -11.40
C THR A 182 5.99 6.82 -11.98
N ALA A 183 5.45 5.66 -11.53
CA ALA A 183 4.13 5.18 -11.98
C ALA A 183 3.04 6.23 -11.65
N ALA A 184 3.07 6.82 -10.45
CA ALA A 184 2.07 7.84 -10.08
C ALA A 184 2.16 9.05 -11.03
N ALA A 185 3.41 9.53 -11.32
CA ALA A 185 3.58 10.64 -12.25
C ALA A 185 3.04 10.31 -13.65
N ILE A 186 3.28 9.06 -14.14
CA ILE A 186 2.78 8.62 -15.45
C ILE A 186 1.23 8.60 -15.47
N ALA A 187 0.60 8.25 -14.34
CA ALA A 187 -0.87 8.25 -14.27
C ALA A 187 -1.41 9.63 -14.56
N TYR A 188 -0.72 10.68 -14.09
CA TYR A 188 -1.14 12.07 -14.33
C TYR A 188 -0.63 12.60 -15.67
N GLY A 189 0.10 11.78 -16.43
CA GLY A 189 0.65 12.17 -17.73
C GLY A 189 1.74 13.21 -17.59
N LEU A 190 2.38 13.26 -16.44
CA LEU A 190 3.42 14.27 -16.18
C LEU A 190 4.65 14.17 -17.07
N ASP A 191 4.84 13.01 -17.67
CA ASP A 191 5.96 12.80 -18.57
C ASP A 191 5.63 13.24 -20.01
N ARG A 192 4.39 13.66 -20.22
CA ARG A 192 3.90 14.09 -21.54
C ARG A 192 3.76 15.59 -21.69
N THR A 193 4.43 16.33 -20.82
CA THR A 193 4.41 17.78 -20.78
C THR A 193 5.42 18.36 -21.80
N GLY A 194 6.16 17.48 -22.47
CA GLY A 194 7.14 17.83 -23.50
C GLY A 194 8.49 18.30 -22.96
N LYS A 195 9.20 19.12 -23.77
CA LYS A 195 10.51 19.65 -23.40
C LYS A 195 10.48 20.58 -22.20
N GLY A 196 11.55 20.52 -21.41
CA GLY A 196 11.71 21.34 -20.21
C GLY A 196 11.60 20.51 -18.96
N GLU A 197 12.42 20.80 -17.96
CA GLU A 197 12.41 20.07 -16.71
C GLU A 197 11.18 20.37 -15.86
N ARG A 198 10.60 19.32 -15.30
CA ARG A 198 9.47 19.46 -14.42
C ARG A 198 9.82 18.74 -13.12
N ASN A 199 9.64 19.41 -11.99
CA ASN A 199 9.94 18.82 -10.69
C ASN A 199 8.62 18.39 -10.06
N VAL A 200 8.58 17.14 -9.62
CA VAL A 200 7.35 16.55 -9.09
C VAL A 200 7.64 15.96 -7.72
N LEU A 201 6.79 16.26 -6.73
CA LEU A 201 6.89 15.67 -5.42
C LEU A 201 5.71 14.73 -5.26
N ILE A 202 5.98 13.46 -4.92
N ILE A 202 5.97 13.47 -4.89
CA ILE A 202 4.98 12.43 -4.66
CA ILE A 202 4.93 12.45 -4.68
C ILE A 202 4.95 12.23 -3.15
C ILE A 202 4.91 12.14 -3.18
N PHE A 203 3.79 12.44 -2.53
CA PHE A 203 3.50 12.25 -1.12
C PHE A 203 2.66 10.98 -1.03
N ASP A 204 3.26 9.90 -0.54
CA ASP A 204 2.60 8.60 -0.49
C ASP A 204 2.39 8.09 0.93
N LEU A 205 1.17 8.25 1.44
CA LEU A 205 0.87 7.77 2.79
C LEU A 205 -0.17 6.65 2.70
N GLY A 206 0.25 5.44 3.05
CA GLY A 206 -0.61 4.28 2.97
C GLY A 206 -1.06 3.67 4.28
N GLY A 207 -1.36 2.39 4.24
CA GLY A 207 -1.77 1.64 5.41
C GLY A 207 -0.71 1.46 6.48
N GLY A 208 0.52 1.20 6.05
CA GLY A 208 1.63 1.00 6.97
C GLY A 208 2.94 1.73 6.69
N THR A 209 3.01 2.45 5.58
CA THR A 209 4.24 3.14 5.20
C THR A 209 4.02 4.55 4.68
N PHE A 210 5.07 5.36 4.76
CA PHE A 210 5.01 6.73 4.28
C PHE A 210 6.25 7.01 3.46
N ASP A 211 6.05 7.41 2.21
CA ASP A 211 7.15 7.71 1.31
C ASP A 211 6.98 9.05 0.64
N VAL A 212 8.09 9.80 0.56
CA VAL A 212 8.15 11.09 -0.14
C VAL A 212 9.23 10.90 -1.20
N SER A 213 8.91 11.23 -2.44
CA SER A 213 9.90 11.14 -3.52
C SER A 213 9.85 12.41 -4.32
N ILE A 214 11.03 12.91 -4.75
CA ILE A 214 11.13 14.04 -5.66
C ILE A 214 11.71 13.53 -6.98
N LEU A 215 11.03 13.81 -8.07
CA LEU A 215 11.47 13.40 -9.39
C LEU A 215 11.59 14.60 -10.31
N THR A 216 12.50 14.50 -11.27
CA THR A 216 12.66 15.53 -12.28
C THR A 216 12.39 14.82 -13.59
N ILE A 217 11.50 15.38 -14.40
CA ILE A 217 11.15 14.79 -15.68
C ILE A 217 11.50 15.77 -16.80
N ASP A 218 12.21 15.26 -17.80
CA ASP A 218 12.63 16.09 -18.94
C ASP A 218 12.54 15.24 -20.22
N ASP A 219 11.61 15.63 -21.13
CA ASP A 219 11.37 14.94 -22.42
C ASP A 219 10.93 13.47 -22.18
N GLY A 220 10.15 13.24 -21.12
CA GLY A 220 9.69 11.91 -20.75
C GLY A 220 10.71 11.08 -19.99
N ILE A 221 11.95 11.60 -19.77
CA ILE A 221 13.00 10.89 -19.02
C ILE A 221 12.89 11.24 -17.53
N PHE A 222 12.81 10.21 -16.66
CA PHE A 222 12.70 10.41 -15.20
C PHE A 222 14.03 10.27 -14.50
N GLU A 223 14.24 11.09 -13.46
CA GLU A 223 15.39 11.01 -12.56
C GLU A 223 14.86 11.16 -11.15
N VAL A 224 15.21 10.21 -10.27
CA VAL A 224 14.80 10.28 -8.85
C VAL A 224 15.84 11.20 -8.19
N LYS A 225 15.39 12.34 -7.66
CA LYS A 225 16.30 13.33 -7.04
C LYS A 225 16.48 13.13 -5.53
N ALA A 226 15.43 12.59 -4.86
CA ALA A 226 15.44 12.34 -3.42
C ALA A 226 14.33 11.40 -3.03
N THR A 227 14.55 10.64 -1.94
CA THR A 227 13.55 9.76 -1.32
C THR A 227 13.70 9.93 0.20
N ALA A 228 12.58 10.03 0.90
CA ALA A 228 12.56 10.15 2.36
C ALA A 228 11.25 9.54 2.82
N GLY A 229 11.08 9.41 4.11
CA GLY A 229 9.84 8.85 4.62
C GLY A 229 10.06 8.10 5.91
N ASP A 230 9.09 7.25 6.25
CA ASP A 230 9.11 6.44 7.47
C ASP A 230 8.44 5.13 7.10
N THR A 231 9.18 4.03 7.15
CA THR A 231 8.66 2.73 6.77
C THR A 231 7.63 2.20 7.74
N HIS A 232 7.54 2.84 8.91
CA HIS A 232 6.61 2.41 9.94
C HIS A 232 5.53 3.43 10.34
N LEU A 233 5.11 4.26 9.38
CA LEU A 233 4.06 5.23 9.64
C LEU A 233 2.95 5.11 8.59
N GLY A 234 1.71 4.97 9.03
CA GLY A 234 0.60 4.85 8.09
C GLY A 234 -0.72 4.75 8.81
N GLY A 235 -1.76 4.42 8.02
CA GLY A 235 -3.14 4.29 8.47
C GLY A 235 -3.32 3.46 9.72
N GLU A 236 -2.55 2.35 9.83
CA GLU A 236 -2.63 1.48 11.00
C GLU A 236 -2.28 2.20 12.30
N ASP A 237 -1.35 3.19 12.24
CA ASP A 237 -0.97 3.95 13.42
C ASP A 237 -2.09 4.86 13.84
N PHE A 238 -2.90 5.32 12.87
CA PHE A 238 -4.07 6.17 13.21
C PHE A 238 -5.16 5.31 13.84
N ASP A 239 -5.34 4.08 13.30
CA ASP A 239 -6.30 3.11 13.87
C ASP A 239 -5.93 2.83 15.32
N ASN A 240 -4.63 2.66 15.59
CA ASN A 240 -4.11 2.37 16.93
C ASN A 240 -4.47 3.48 17.91
N ARG A 241 -4.37 4.72 17.47
CA ARG A 241 -4.69 5.86 18.34
C ARG A 241 -6.18 5.86 18.72
N LEU A 242 -7.04 5.57 17.75
CA LEU A 242 -8.47 5.49 18.00
C LEU A 242 -8.82 4.37 18.97
N VAL A 243 -8.16 3.23 18.81
CA VAL A 243 -8.43 2.10 19.69
C VAL A 243 -8.07 2.44 21.13
N ASN A 244 -6.94 3.10 21.31
CA ASN A 244 -6.51 3.48 22.65
C ASN A 244 -7.49 4.45 23.28
N HIS A 245 -7.99 5.37 22.48
CA HIS A 245 -8.96 6.34 22.96
C HIS A 245 -10.24 5.64 23.43
N PHE A 246 -10.73 4.70 22.62
CA PHE A 246 -11.94 3.96 22.96
C PHE A 246 -11.78 3.01 24.16
N VAL A 247 -10.61 2.39 24.28
CA VAL A 247 -10.34 1.50 25.40
C VAL A 247 -10.42 2.34 26.66
N GLU A 248 -9.89 3.55 26.61
CA GLU A 248 -9.93 4.45 27.75
C GLU A 248 -11.36 4.87 28.05
N GLU A 249 -12.13 5.15 27.00
CA GLU A 249 -13.52 5.57 27.16
C GLU A 249 -14.36 4.48 27.81
N PHE A 250 -14.12 3.24 27.41
CA PHE A 250 -14.86 2.13 27.98
C PHE A 250 -14.54 1.98 29.47
N LYS A 251 -13.27 2.13 29.79
CA LYS A 251 -12.78 2.07 31.19
C LYS A 251 -13.48 3.14 32.01
N ARG A 252 -13.61 4.35 31.46
CA ARG A 252 -14.23 5.48 32.15
C ARG A 252 -15.73 5.23 32.46
N LYS A 253 -16.50 4.80 31.45
CA LYS A 253 -17.95 4.56 31.50
C LYS A 253 -18.36 3.29 32.26
N HIS A 254 -17.71 2.17 31.98
CA HIS A 254 -18.06 0.89 32.60
C HIS A 254 -17.08 0.30 33.63
N LYS A 255 -15.98 1.00 33.88
CA LYS A 255 -14.96 0.59 34.85
C LYS A 255 -14.39 -0.83 34.57
N LYS A 256 -14.17 -1.11 33.30
CA LYS A 256 -13.63 -2.39 32.82
C LYS A 256 -12.59 -2.12 31.77
N ASP A 257 -11.51 -2.88 31.80
CA ASP A 257 -10.47 -2.76 30.80
C ASP A 257 -10.74 -3.89 29.81
N ILE A 258 -11.02 -3.54 28.56
CA ILE A 258 -11.34 -4.52 27.51
C ILE A 258 -10.13 -5.01 26.73
N SER A 259 -8.95 -4.51 27.09
CA SER A 259 -7.73 -4.80 26.35
C SER A 259 -7.24 -6.24 26.20
N GLN A 260 -7.47 -7.09 27.20
CA GLN A 260 -7.00 -8.48 27.12
C GLN A 260 -7.84 -9.39 26.23
N ASN A 261 -9.15 -9.10 26.04
CA ASN A 261 -10.01 -9.92 25.17
C ASN A 261 -9.68 -9.54 23.72
N LYS A 262 -8.98 -10.43 23.01
CA LYS A 262 -8.56 -10.16 21.65
C LYS A 262 -9.76 -9.87 20.72
N ARG A 263 -10.88 -10.59 20.90
CA ARG A 263 -12.08 -10.40 20.07
C ARG A 263 -12.60 -8.94 20.23
N ALA A 264 -12.75 -8.48 21.48
CA ALA A 264 -13.21 -7.11 21.77
C ALA A 264 -12.30 -6.09 21.08
N VAL A 265 -10.96 -6.21 21.28
CA VAL A 265 -9.97 -5.30 20.67
C VAL A 265 -10.04 -5.35 19.13
N ARG A 266 -10.19 -6.56 18.55
CA ARG A 266 -10.29 -6.69 17.09
C ARG A 266 -11.56 -5.99 16.58
N ARG A 267 -12.74 -6.25 17.24
CA ARG A 267 -14.04 -5.68 16.86
C ARG A 267 -13.99 -4.16 17.00
N LEU A 268 -13.33 -3.66 18.06
CA LEU A 268 -13.17 -2.22 18.26
C LEU A 268 -12.28 -1.64 17.15
N ARG A 269 -11.15 -2.30 16.86
CA ARG A 269 -10.23 -1.84 15.82
C ARG A 269 -10.92 -1.74 14.44
N THR A 270 -11.75 -2.73 14.09
CA THR A 270 -12.47 -2.79 12.82
C THR A 270 -13.47 -1.64 12.74
N ALA A 271 -14.19 -1.35 13.85
CA ALA A 271 -15.15 -0.24 13.88
C ALA A 271 -14.41 1.10 13.79
N CYS A 272 -13.23 1.22 14.46
CA CYS A 272 -12.39 2.42 14.44
C CYS A 272 -11.95 2.78 13.03
N GLU A 273 -11.42 1.80 12.30
CA GLU A 273 -10.97 2.00 10.93
C GLU A 273 -12.13 2.52 10.02
N ARG A 274 -13.37 2.02 10.20
CA ARG A 274 -14.52 2.48 9.39
C ARG A 274 -14.97 3.89 9.78
N ALA A 275 -14.96 4.21 11.11
CA ALA A 275 -15.32 5.55 11.60
C ALA A 275 -14.29 6.53 11.05
N LYS A 276 -13.02 6.11 11.01
CA LYS A 276 -11.92 6.91 10.47
C LYS A 276 -12.20 7.32 8.99
N ARG A 277 -12.68 6.36 8.17
CA ARG A 277 -13.04 6.66 6.77
C ARG A 277 -14.19 7.66 6.68
N THR A 278 -15.20 7.53 7.57
CA THR A 278 -16.36 8.44 7.61
C THR A 278 -15.89 9.87 7.90
N LEU A 279 -14.91 10.01 8.82
CA LEU A 279 -14.36 11.29 9.26
C LEU A 279 -13.62 12.05 8.15
N SER A 280 -13.33 11.40 7.03
CA SER A 280 -12.73 12.11 5.90
C SER A 280 -13.80 12.87 5.09
N SER A 281 -15.08 12.47 5.25
CA SER A 281 -16.26 13.03 4.55
C SER A 281 -17.24 13.79 5.47
N SER A 282 -17.34 13.37 6.75
CA SER A 282 -18.22 13.98 7.74
C SER A 282 -17.42 14.55 8.91
N THR A 283 -18.00 15.50 9.66
CA THR A 283 -17.34 16.11 10.83
C THR A 283 -17.55 15.28 12.10
N GLN A 284 -18.32 14.19 11.99
CA GLN A 284 -18.64 13.28 13.09
C GLN A 284 -18.86 11.87 12.55
N ALA A 285 -18.63 10.86 13.40
CA ALA A 285 -18.84 9.45 13.06
C ALA A 285 -19.30 8.70 14.28
N SER A 286 -20.36 7.91 14.14
CA SER A 286 -20.85 7.14 15.26
C SER A 286 -20.20 5.78 15.26
N LEU A 287 -20.00 5.22 16.44
CA LEU A 287 -19.43 3.90 16.56
C LEU A 287 -20.43 3.09 17.38
N GLU A 288 -20.96 2.03 16.78
CA GLU A 288 -21.92 1.20 17.49
C GLU A 288 -21.52 -0.27 17.43
N ILE A 289 -21.25 -0.83 18.60
CA ILE A 289 -20.86 -2.23 18.74
C ILE A 289 -21.76 -2.91 19.77
N ASP A 290 -22.43 -3.99 19.37
CA ASP A 290 -23.28 -4.77 20.27
C ASP A 290 -22.39 -5.73 21.07
N SER A 291 -22.64 -5.82 22.39
CA SER A 291 -21.96 -6.70 23.36
C SER A 291 -20.43 -6.77 23.13
N LEU A 292 -19.74 -5.61 23.28
CA LEU A 292 -18.29 -5.50 23.08
C LEU A 292 -17.51 -6.30 24.14
N PHE A 293 -17.91 -6.18 25.41
CA PHE A 293 -17.21 -6.85 26.51
C PHE A 293 -18.18 -7.06 27.66
N GLU A 294 -18.25 -8.31 28.15
CA GLU A 294 -19.13 -8.74 29.23
C GLU A 294 -20.62 -8.38 28.94
N GLY A 295 -21.01 -8.54 27.67
CA GLY A 295 -22.36 -8.26 27.20
C GLY A 295 -22.78 -6.80 27.15
N ILE A 296 -21.80 -5.86 27.27
CA ILE A 296 -22.08 -4.42 27.27
C ILE A 296 -22.01 -3.84 25.85
N ASP A 297 -23.10 -3.17 25.43
CA ASP A 297 -23.13 -2.50 24.13
C ASP A 297 -22.34 -1.21 24.25
N PHE A 298 -21.54 -0.91 23.22
CA PHE A 298 -20.74 0.29 23.18
C PHE A 298 -21.18 1.12 21.99
N TYR A 299 -22.06 2.08 22.25
CA TYR A 299 -22.67 3.00 21.29
C TYR A 299 -22.21 4.39 21.67
N THR A 300 -21.35 4.97 20.83
CA THR A 300 -20.75 6.28 21.06
C THR A 300 -20.48 7.00 19.72
N SER A 301 -19.78 8.14 19.77
CA SER A 301 -19.44 8.92 18.60
C SER A 301 -18.10 9.61 18.80
N ILE A 302 -17.53 10.05 17.68
CA ILE A 302 -16.28 10.79 17.72
C ILE A 302 -16.36 11.88 16.66
N THR A 303 -15.80 13.03 16.96
CA THR A 303 -15.81 14.16 16.02
C THR A 303 -14.52 14.11 15.21
N ARG A 304 -14.48 14.83 14.08
CA ARG A 304 -13.28 14.92 13.26
C ARG A 304 -12.20 15.64 14.06
N ALA A 305 -12.58 16.69 14.82
CA ALA A 305 -11.66 17.46 15.68
C ALA A 305 -10.98 16.56 16.72
N ARG A 306 -11.73 15.62 17.33
CA ARG A 306 -11.16 14.72 18.31
C ARG A 306 -10.18 13.74 17.65
N PHE A 307 -10.56 13.15 16.50
CA PHE A 307 -9.69 12.24 15.76
C PHE A 307 -8.38 12.96 15.35
N GLU A 308 -8.50 14.19 14.83
CA GLU A 308 -7.35 15.01 14.46
C GLU A 308 -6.43 15.27 15.65
N GLU A 309 -7.01 15.57 16.83
CA GLU A 309 -6.20 15.77 18.04
C GLU A 309 -5.43 14.46 18.39
N LEU A 310 -6.14 13.31 18.36
CA LEU A 310 -5.55 12.00 18.69
C LEU A 310 -4.36 11.61 17.84
N CYS A 311 -4.34 11.99 16.54
CA CYS A 311 -3.28 11.63 15.60
C CYS A 311 -2.40 12.81 15.21
N SER A 312 -2.63 13.98 15.84
CA SER A 312 -2.00 15.23 15.48
C SER A 312 -0.48 15.19 15.26
N ASP A 313 0.25 14.60 16.20
CA ASP A 313 1.72 14.47 16.10
C ASP A 313 2.13 13.60 14.91
N LEU A 314 1.35 12.55 14.64
CA LEU A 314 1.63 11.64 13.52
C LEU A 314 1.44 12.38 12.20
N PHE A 315 0.33 13.11 12.04
CA PHE A 315 0.10 13.85 10.81
C PHE A 315 1.17 14.92 10.60
N ARG A 316 1.51 15.66 11.66
N ARG A 316 1.51 15.65 11.67
CA ARG A 316 2.53 16.71 11.59
CA ARG A 316 2.53 16.70 11.64
C ARG A 316 3.91 16.15 11.19
C ARG A 316 3.91 16.18 11.25
N SER A 317 4.24 14.94 11.67
CA SER A 317 5.54 14.32 11.41
C SER A 317 5.77 14.03 9.92
N THR A 318 4.69 13.99 9.10
CA THR A 318 4.84 13.73 7.65
C THR A 318 5.59 14.88 6.97
N LEU A 319 5.62 16.08 7.58
CA LEU A 319 6.35 17.21 6.96
C LEU A 319 7.85 17.16 7.09
N GLU A 320 8.38 16.45 8.12
CA GLU A 320 9.83 16.32 8.30
C GLU A 320 10.47 15.65 7.05
N PRO A 321 9.98 14.47 6.57
CA PRO A 321 10.55 13.89 5.33
C PRO A 321 10.38 14.78 4.10
N VAL A 322 9.31 15.61 4.04
CA VAL A 322 9.11 16.50 2.90
C VAL A 322 10.29 17.54 2.88
N GLU A 323 10.55 18.17 4.05
CA GLU A 323 11.65 19.13 4.22
C GLU A 323 12.98 18.47 3.88
N LYS A 324 13.22 17.23 4.40
CA LYS A 324 14.45 16.47 4.16
C LYS A 324 14.63 16.19 2.66
N ALA A 325 13.57 15.72 1.98
CA ALA A 325 13.62 15.42 0.55
C ALA A 325 13.97 16.67 -0.26
N LEU A 326 13.35 17.83 0.06
CA LEU A 326 13.64 19.10 -0.62
C LEU A 326 15.12 19.50 -0.46
N ARG A 327 15.66 19.35 0.77
CA ARG A 327 17.06 19.61 1.10
C ARG A 327 17.98 18.71 0.26
N ASP A 328 17.69 17.38 0.24
CA ASP A 328 18.47 16.38 -0.51
C ASP A 328 18.42 16.61 -2.03
N ALA A 329 17.26 17.04 -2.56
CA ALA A 329 17.09 17.30 -4.00
C ALA A 329 17.70 18.65 -4.39
N LYS A 330 18.07 19.49 -3.39
CA LYS A 330 18.63 20.85 -3.53
C LYS A 330 17.62 21.77 -4.24
N LEU A 331 16.35 21.70 -3.81
CA LEU A 331 15.25 22.49 -4.38
C LEU A 331 14.48 23.21 -3.31
N ASP A 332 13.99 24.43 -3.61
CA ASP A 332 13.13 25.18 -2.70
C ASP A 332 11.69 24.76 -3.01
N LYS A 333 10.74 25.04 -2.11
CA LYS A 333 9.32 24.70 -2.26
C LYS A 333 8.76 25.22 -3.58
N ALA A 334 9.11 26.47 -3.95
CA ALA A 334 8.66 27.14 -5.17
C ALA A 334 9.16 26.48 -6.46
N GLN A 335 10.14 25.60 -6.34
CA GLN A 335 10.69 24.95 -7.52
C GLN A 335 9.95 23.66 -7.88
N ILE A 336 8.99 23.27 -7.05
CA ILE A 336 8.23 22.06 -7.31
C ILE A 336 6.99 22.40 -8.14
N HIS A 337 6.96 21.89 -9.36
CA HIS A 337 5.83 22.09 -10.28
C HIS A 337 4.51 21.41 -9.94
N ASP A 338 4.59 20.14 -9.51
CA ASP A 338 3.40 19.32 -9.20
C ASP A 338 3.56 18.59 -7.88
N LEU A 339 2.53 18.65 -7.03
CA LEU A 339 2.44 17.94 -5.75
C LEU A 339 1.40 16.85 -6.00
N VAL A 340 1.76 15.58 -5.80
CA VAL A 340 0.86 14.45 -6.12
C VAL A 340 0.59 13.62 -4.87
N LEU A 341 -0.71 13.34 -4.59
CA LEU A 341 -1.09 12.56 -3.40
C LEU A 341 -1.33 11.10 -3.77
N VAL A 342 -0.68 10.17 -3.08
CA VAL A 342 -0.83 8.73 -3.30
C VAL A 342 -1.05 8.06 -1.94
N GLY A 343 -1.80 6.98 -1.91
CA GLY A 343 -2.04 6.24 -0.68
C GLY A 343 -3.36 6.63 -0.04
N GLY A 344 -4.08 5.62 0.42
CA GLY A 344 -5.41 5.77 0.99
C GLY A 344 -5.51 6.78 2.14
N SER A 345 -4.46 6.89 2.95
CA SER A 345 -4.46 7.83 4.07
C SER A 345 -4.40 9.31 3.64
N THR A 346 -4.07 9.61 2.35
CA THR A 346 -4.05 11.00 1.91
C THR A 346 -5.45 11.57 1.74
N ARG A 347 -6.51 10.74 1.94
CA ARG A 347 -7.90 11.18 1.91
C ARG A 347 -8.24 12.00 3.17
N ILE A 348 -7.43 11.88 4.22
CA ILE A 348 -7.66 12.60 5.49
C ILE A 348 -7.54 14.11 5.26
N PRO A 349 -8.63 14.91 5.45
CA PRO A 349 -8.53 16.36 5.20
C PRO A 349 -7.38 17.07 5.91
N LYS A 350 -7.12 16.72 7.17
CA LYS A 350 -6.05 17.36 7.93
C LYS A 350 -4.68 17.12 7.26
N VAL A 351 -4.46 15.93 6.72
CA VAL A 351 -3.18 15.61 6.04
C VAL A 351 -3.01 16.48 4.81
N GLN A 352 -4.09 16.62 4.03
CA GLN A 352 -4.05 17.49 2.84
C GLN A 352 -3.80 18.95 3.22
N LYS A 353 -4.47 19.44 4.29
CA LYS A 353 -4.30 20.80 4.78
C LYS A 353 -2.86 21.08 5.18
N LEU A 354 -2.25 20.20 6.00
CA LEU A 354 -0.88 20.35 6.44
C LEU A 354 0.09 20.48 5.25
N LEU A 355 -0.06 19.61 4.25
CA LEU A 355 0.83 19.63 3.08
C LEU A 355 0.63 20.91 2.26
N GLN A 356 -0.63 21.27 2.02
CA GLN A 356 -0.98 22.50 1.32
C GLN A 356 -0.41 23.74 2.05
N ASP A 357 -0.54 23.81 3.40
CA ASP A 357 -0.04 24.93 4.19
C ASP A 357 1.47 24.99 4.13
N PHE A 358 2.12 23.80 4.13
CA PHE A 358 3.58 23.73 4.04
C PHE A 358 4.05 24.36 2.74
N PHE A 359 3.30 24.15 1.64
CA PHE A 359 3.59 24.67 0.31
C PHE A 359 2.91 26.01 0.06
N ASN A 360 2.65 26.76 1.15
CA ASN A 360 2.09 28.10 1.11
C ASN A 360 0.79 28.24 0.27
N GLY A 361 -0.10 27.27 0.42
CA GLY A 361 -1.43 27.29 -0.21
C GLY A 361 -1.56 26.64 -1.57
N ARG A 362 -0.47 26.02 -2.07
CA ARG A 362 -0.49 25.36 -3.37
C ARG A 362 -1.55 24.25 -3.43
N ASP A 363 -2.21 24.14 -4.59
CA ASP A 363 -3.19 23.07 -4.82
C ASP A 363 -2.50 21.73 -5.04
N LEU A 364 -3.13 20.65 -4.58
CA LEU A 364 -2.58 19.29 -4.62
C LEU A 364 -3.23 18.46 -5.72
N ASN A 365 -2.45 17.59 -6.38
CA ASN A 365 -3.01 16.70 -7.39
C ASN A 365 -3.58 15.48 -6.68
N LYS A 366 -4.89 15.36 -6.75
CA LYS A 366 -5.61 14.27 -6.11
C LYS A 366 -6.79 13.91 -6.98
N SER A 367 -6.72 14.24 -8.28
CA SER A 367 -7.81 13.97 -9.21
C SER A 367 -7.84 12.52 -9.66
N ILE A 368 -6.88 11.73 -9.22
CA ILE A 368 -6.82 10.30 -9.50
C ILE A 368 -6.89 9.62 -8.13
N ASN A 369 -7.69 8.58 -8.02
CA ASN A 369 -7.87 7.89 -6.76
C ASN A 369 -6.49 7.54 -6.21
N PRO A 370 -6.21 7.94 -4.97
CA PRO A 370 -4.89 7.71 -4.35
C PRO A 370 -4.50 6.25 -4.21
N ASP A 371 -5.47 5.39 -3.97
CA ASP A 371 -5.25 3.95 -3.84
C ASP A 371 -4.88 3.31 -5.17
N GLU A 372 -5.33 3.92 -6.26
CA GLU A 372 -5.13 3.37 -7.60
C GLU A 372 -4.14 4.02 -8.59
N ALA A 373 -3.57 5.17 -8.24
CA ALA A 373 -2.66 5.92 -9.10
C ALA A 373 -1.42 5.13 -9.55
N VAL A 374 -0.82 4.36 -8.63
CA VAL A 374 0.36 3.57 -9.00
C VAL A 374 0.02 2.48 -10.02
N ALA A 375 -1.05 1.74 -9.79
CA ALA A 375 -1.46 0.72 -10.74
C ALA A 375 -1.85 1.34 -12.08
N TYR A 376 -2.49 2.51 -12.02
CA TYR A 376 -2.93 3.20 -13.22
C TYR A 376 -1.71 3.55 -14.08
N GLY A 377 -0.68 4.09 -13.45
CA GLY A 377 0.54 4.43 -14.16
C GLY A 377 1.24 3.22 -14.72
N ALA A 378 1.26 2.14 -13.93
CA ALA A 378 1.91 0.89 -14.38
C ALA A 378 1.17 0.33 -15.62
N ALA A 379 -0.18 0.46 -15.63
CA ALA A 379 -0.97 -0.05 -16.73
C ALA A 379 -0.70 0.77 -18.01
N VAL A 380 -0.54 2.08 -17.86
CA VAL A 380 -0.21 2.95 -19.03
C VAL A 380 1.17 2.52 -19.57
N GLN A 381 2.15 2.32 -18.66
CA GLN A 381 3.50 1.94 -19.08
C GLN A 381 3.48 0.56 -19.74
N ALA A 382 2.64 -0.38 -19.24
CA ALA A 382 2.60 -1.74 -19.80
C ALA A 382 2.08 -1.68 -21.24
N ALA A 383 1.05 -0.85 -21.48
CA ALA A 383 0.46 -0.72 -22.84
C ALA A 383 1.50 -0.13 -23.79
N ILE A 384 2.32 0.82 -23.32
CA ILE A 384 3.38 1.41 -24.15
C ILE A 384 4.44 0.38 -24.53
N LEU A 385 4.83 -0.44 -23.55
CA LEU A 385 5.92 -1.41 -23.72
C LEU A 385 5.61 -2.56 -24.65
N ILE A 386 4.31 -2.92 -24.85
CA ILE A 386 3.99 -4.04 -25.74
C ILE A 386 3.75 -3.57 -27.18
N LYS A 387 3.82 -2.26 -27.43
CA LYS A 387 3.66 -1.73 -28.81
C LYS A 387 4.74 -2.35 -29.71
N SER A 388 4.34 -2.87 -30.89
CA SER A 388 5.29 -3.52 -31.80
C SER A 388 5.10 -3.10 -33.25
N THR A 389 4.53 -1.91 -33.46
CA THR A 389 4.28 -1.37 -34.80
C THR A 389 5.58 -1.12 -35.53
N ARG A 390 5.63 -1.50 -36.82
CA ARG A 390 6.79 -1.23 -37.66
C ARG A 390 6.58 0.17 -38.23
N ALA A 391 7.67 0.94 -38.39
CA ALA A 391 7.58 2.32 -38.85
C ALA A 391 7.13 2.45 -40.31
N ALA A 392 6.19 3.39 -40.54
CA ALA A 392 5.67 3.72 -41.86
C ALA A 392 6.77 4.43 -42.64
N ALA A 393 6.84 4.19 -43.96
CA ALA A 393 7.83 4.76 -44.87
C ALA A 393 7.78 6.29 -44.92
O5' ADN B . -6.09 1.35 2.52
C5' ADN B . -4.88 1.99 2.87
C4' ADN B . -5.07 2.88 4.08
O4' ADN B . -5.91 4.00 3.72
C3' ADN B . -5.75 2.20 5.27
O3' ADN B . -5.08 2.55 6.48
C2' ADN B . -7.16 2.75 5.23
O2' ADN B . -7.76 2.77 6.52
C1' ADN B . -6.89 4.16 4.72
N9 ADN B . -8.05 4.85 4.15
C8 ADN B . -8.81 4.47 3.08
N7 ADN B . -9.79 5.28 2.80
C5 ADN B . -9.67 6.28 3.75
C6 ADN B . -10.41 7.44 4.01
N6 ADN B . -11.50 7.81 3.32
N1 ADN B . -10.02 8.23 5.04
C2 ADN B . -8.97 7.86 5.76
N3 ADN B . -8.19 6.79 5.62
C4 ADN B . -8.60 6.03 4.59
C1 EDO C . 8.32 -1.79 1.84
O1 EDO C . 7.36 -2.46 2.62
C2 EDO C . 9.70 -1.87 2.53
O2 EDO C . 10.36 -3.05 2.12
C1 EDO D . 3.94 0.29 0.13
O1 EDO D . 3.49 -0.71 -0.78
C2 EDO D . 4.59 1.36 -0.67
O2 EDO D . 5.82 0.83 -1.10
C1 EDO E . -14.22 -0.26 -4.38
O1 EDO E . -13.16 -1.05 -3.84
C2 EDO E . -15.59 -0.88 -4.00
O2 EDO E . -15.79 -0.79 -2.61
C1 EDO F . 15.65 4.21 -8.06
O1 EDO F . 15.49 5.45 -7.39
C2 EDO F . 15.92 4.44 -9.55
O2 EDO F . 15.69 3.22 -10.22
C1 EDO G . -7.90 -18.59 -2.97
O1 EDO G . -8.39 -17.42 -2.34
C2 EDO G . -7.11 -18.18 -4.23
O2 EDO G . -7.99 -17.56 -5.15
C1 EDO H . 17.77 -4.86 -10.84
O1 EDO H . 17.35 -4.23 -12.03
C2 EDO H . 18.11 -6.34 -11.13
O2 EDO H . 16.98 -6.99 -11.67
C1 EDO I . -10.95 -11.95 -4.14
O1 EDO I . -10.95 -12.68 -5.36
C2 EDO I . -9.51 -11.51 -3.87
O2 EDO I . -9.49 -10.84 -2.66
C1 EDO J . 10.98 -2.00 7.05
O1 EDO J . 9.99 -2.93 7.33
C2 EDO J . 11.45 -2.20 5.62
O2 EDO J . 12.39 -1.18 5.33
C1 EDO K . -11.45 -12.11 -9.37
O1 EDO K . -11.37 -12.01 -7.95
C2 EDO K . -11.36 -13.58 -9.78
O2 EDO K . -10.29 -14.17 -9.07
C1 EDO L . 2.74 -25.42 -2.67
O1 EDO L . 3.82 -24.96 -1.88
C2 EDO L . 2.19 -24.27 -3.57
O2 EDO L . 1.89 -23.10 -2.83
C1 EDO M . 5.68 -20.92 -4.79
O1 EDO M . 6.97 -21.08 -5.34
C2 EDO M . 4.71 -21.70 -5.69
O2 EDO M . 3.45 -21.67 -5.10
C1 EDO N . 15.60 6.51 -12.27
O1 EDO N . 14.49 7.03 -12.98
C2 EDO N . 16.78 7.53 -12.27
O2 EDO N . 16.97 8.13 -11.00
C1 EDO O . 22.07 -13.17 12.44
O1 EDO O . 22.13 -14.59 12.57
C2 EDO O . 20.71 -12.66 12.97
O2 EDO O . 20.49 -13.13 14.28
C1 EDO P . -9.26 -13.10 17.75
O1 EDO P . -9.74 -11.79 17.42
C2 EDO P . -10.18 -13.75 18.82
O2 EDO P . -11.53 -13.66 18.38
C1 EDO Q . 9.43 -1.96 14.34
O1 EDO Q . 9.68 -3.01 13.39
C2 EDO Q . 8.06 -1.26 14.09
O2 EDO Q . 7.00 -2.21 14.09
C1 EDO R . 12.39 1.85 -24.60
O1 EDO R . 13.06 0.72 -24.08
C2 EDO R . 11.13 2.11 -23.76
O2 EDO R . 11.54 2.40 -22.43
C1 EDO S . 15.98 -13.45 -0.62
O1 EDO S . 15.60 -14.52 -1.49
C2 EDO S . 14.75 -12.99 0.19
O2 EDO S . 13.79 -12.39 -0.70
C1 EDO T . 12.10 4.97 3.25
O1 EDO T . 11.42 5.38 4.41
C2 EDO T . 13.24 5.98 2.98
O2 EDO T . 13.47 6.01 1.59
C1 EDO U . -0.03 0.90 0.56
O1 EDO U . -1.04 1.07 1.55
C2 EDO U . 0.65 -0.45 0.78
O2 EDO U . -0.26 -1.50 0.56
C1 EDO V . 9.15 -1.38 -31.46
O1 EDO V . 8.25 -0.54 -32.20
C2 EDO V . 8.57 -2.80 -31.38
O2 EDO V . 9.41 -3.77 -31.98
C1 EDO W . -9.80 19.71 8.18
O1 EDO W . -10.69 19.18 9.13
C2 EDO W . -8.55 20.21 8.93
O2 EDO W . -7.74 20.90 8.02
S DMS X . -23.01 -4.78 15.52
O DMS X . -21.95 -4.84 16.54
C1 DMS X . -22.33 -4.65 13.96
C2 DMS X . -23.82 -3.28 15.61
MG MG Y . 1.59 1.60 -1.79
#